data_6Q0S
#
_entry.id   6Q0S
#
_cell.length_a   167.874
_cell.length_b   167.874
_cell.length_c   167.874
_cell.angle_alpha   90.000
_cell.angle_beta   90.000
_cell.angle_gamma   90.000
#
_symmetry.space_group_name_H-M   'P 41 3 2'
#
loop_
_entity.id
_entity.type
_entity.pdbx_description
1 polymer 'Fusion glycoprotein F0'
2 non-polymer 2-acetamido-2-deoxy-beta-D-glucopyranose
3 non-polymer 'SULFATE ION'
4 water water
#
_entity_poly.entity_id   1
_entity_poly.type   'polypeptide(L)'
_entity_poly.pdbx_seq_one_letter_code
;MELLIHRSSAIFLTLAVNALYLTSSQNITEEFYQSTCSAVSRGYFSALRTGWYTSVITIELSNIKETKCNGTDTKVKLIK
QELDKYKNAVTELQLLMQNTPAANNRARREAPQYMNYTINTTKNLNVSISKKRKRRFLGFLLGVGSAIASGIAVCKVLHL
EGEVNKIKNALLSTNKAVVSLSNGVSVLTFKVLDLKNYINNRLLPILNQQSCRISNIETVIEFQQMNSRLLEITREFSVN
AGVTTPLSTYMLTNSELLSLINDMPITNDQKKLMSSNVQIVRQQSYSIMCIIKEEVLAYVVQLPIYGVIDTPCWKLHTSP
LCTTNIKEGSNICLTRTDRGWYCDNAGSVSFFPQADTCKVQSNRVFCDTMNSLTLPSEVSLCNTDIFNSKYDCKIMTSKT
DISSSVITSLGAIVSCYGKTKCTASNKNRGIIKTFSNGCDYVSNKGVDTVSVGNTLYYVNKLEGKNLYVKGEPIINYYDP
LVFPSDEFDASISQVNEKINQSLAFIRRSDELLSAIGGYIPEAPRDGQAYVRKDGEWVLLSTFLGGLVPR
;
_entity_poly.pdbx_strand_id   F
#
# COMPACT_ATOMS: atom_id res chain seq x y z
N GLN A 26 0.96 -7.36 -21.55
CA GLN A 26 1.00 -5.91 -21.39
C GLN A 26 0.38 -5.19 -22.59
N ASN A 27 -0.86 -5.60 -22.88
CA ASN A 27 -1.68 -5.09 -23.98
C ASN A 27 -2.65 -4.08 -23.34
N ILE A 28 -2.22 -2.85 -23.23
CA ILE A 28 -3.07 -1.80 -22.65
C ILE A 28 -3.74 -0.98 -23.75
N THR A 29 -4.98 -0.64 -23.48
CA THR A 29 -5.88 0.09 -24.37
C THR A 29 -6.45 1.24 -23.56
N GLU A 30 -6.56 2.40 -24.15
CA GLU A 30 -7.05 3.56 -23.42
C GLU A 30 -8.04 4.29 -24.29
N GLU A 31 -9.16 4.73 -23.69
CA GLU A 31 -10.17 5.48 -24.42
C GLU A 31 -10.41 6.81 -23.71
N PHE A 32 -10.40 7.89 -24.46
CA PHE A 32 -10.70 9.22 -23.94
C PHE A 32 -12.11 9.63 -24.38
N TYR A 33 -12.89 10.14 -23.45
CA TYR A 33 -14.25 10.61 -23.71
C TYR A 33 -14.25 12.12 -23.64
N GLN A 34 -14.30 12.73 -24.83
CA GLN A 34 -14.33 14.18 -24.95
C GLN A 34 -15.56 14.76 -24.25
N SER A 35 -16.68 14.03 -24.24
CA SER A 35 -17.90 14.56 -23.66
C SER A 35 -17.81 14.76 -22.15
N THR A 36 -17.00 13.98 -21.45
CA THR A 36 -16.94 14.06 -19.99
C THR A 36 -15.54 14.27 -19.43
N CYS A 37 -14.57 14.56 -20.27
CA CYS A 37 -13.21 14.87 -19.82
C CYS A 37 -12.68 13.76 -18.93
N SER A 38 -12.73 12.53 -19.46
CA SER A 38 -12.26 11.38 -18.71
C SER A 38 -11.69 10.37 -19.66
N ALA A 39 -10.83 9.50 -19.14
CA ALA A 39 -10.17 8.47 -19.90
C ALA A 39 -10.09 7.21 -19.05
N VAL A 40 -10.26 6.04 -19.71
CA VAL A 40 -10.25 4.76 -19.06
C VAL A 40 -9.12 3.93 -19.71
N SER A 41 -8.19 3.46 -18.89
CA SER A 41 -7.10 2.54 -19.27
C SER A 41 -7.51 1.12 -18.90
N ARG A 42 -7.57 0.20 -19.88
CA ARG A 42 -8.03 -1.17 -19.71
C ARG A 42 -6.92 -2.15 -20.12
N GLY A 43 -7.09 -3.43 -19.76
CA GLY A 43 -6.08 -4.44 -20.07
C GLY A 43 -5.29 -4.91 -18.85
N TYR A 44 -5.64 -4.46 -17.67
CA TYR A 44 -4.99 -4.81 -16.44
C TYR A 44 -5.72 -5.99 -15.79
N PHE A 45 -4.98 -6.69 -14.93
CA PHE A 45 -5.45 -7.86 -14.20
C PHE A 45 -5.16 -7.68 -12.72
N SER A 46 -6.12 -8.08 -11.91
CA SER A 46 -6.09 -7.87 -10.49
C SER A 46 -5.19 -8.83 -9.70
N ALA A 47 -4.82 -8.35 -8.53
CA ALA A 47 -4.31 -9.12 -7.42
C ALA A 47 -4.75 -8.34 -6.17
N LEU A 48 -5.89 -8.73 -5.62
CA LEU A 48 -6.45 -8.02 -4.50
C LEU A 48 -6.28 -8.80 -3.23
N ARG A 49 -5.76 -8.10 -2.22
CA ARG A 49 -5.61 -8.75 -0.90
C ARG A 49 -6.93 -8.82 -0.20
N THR A 50 -7.37 -10.04 0.12
CA THR A 50 -8.60 -10.35 0.78
C THR A 50 -8.36 -11.00 2.10
N GLY A 51 -7.22 -11.65 2.28
CA GLY A 51 -6.95 -12.38 3.51
C GLY A 51 -5.56 -12.10 4.05
N TRP A 52 -5.27 -12.72 5.19
CA TRP A 52 -3.98 -12.54 5.84
C TRP A 52 -3.42 -13.88 6.26
N TYR A 53 -2.14 -14.11 6.05
CA TYR A 53 -1.43 -15.31 6.57
C TYR A 53 -0.51 -14.86 7.72
N THR A 54 -0.60 -15.49 8.89
CA THR A 54 0.21 -15.10 10.01
C THR A 54 1.22 -16.17 10.32
N SER A 55 2.45 -15.73 10.59
CA SER A 55 3.54 -16.60 10.93
C SER A 55 4.23 -16.04 12.16
N VAL A 56 4.71 -16.93 13.01
CA VAL A 56 5.41 -16.54 14.24
C VAL A 56 6.90 -16.72 14.04
N ILE A 57 7.66 -15.64 14.21
CA ILE A 57 9.10 -15.64 14.06
C ILE A 57 9.68 -15.55 15.45
N THR A 58 10.66 -16.42 15.80
CA THR A 58 11.24 -16.40 17.12
C THR A 58 12.75 -16.25 17.10
N ILE A 59 13.28 -15.67 18.18
CA ILE A 59 14.69 -15.59 18.51
C ILE A 59 14.81 -16.19 19.90
N GLU A 60 15.70 -17.16 20.06
CA GLU A 60 15.97 -17.74 21.37
C GLU A 60 16.93 -16.83 22.15
N LEU A 61 16.58 -16.49 23.39
CA LEU A 61 17.35 -15.58 24.21
C LEU A 61 17.94 -16.27 25.42
N SER A 62 19.00 -15.67 25.98
CA SER A 62 19.62 -16.10 27.21
C SER A 62 19.23 -15.17 28.36
N ASN A 63 18.96 -15.79 29.50
CA ASN A 63 18.54 -15.13 30.74
C ASN A 63 19.73 -14.74 31.60
N ILE A 64 20.68 -13.98 31.07
CA ILE A 64 21.83 -13.56 31.86
C ILE A 64 21.85 -12.03 31.92
N LYS A 65 21.81 -11.50 33.16
CA LYS A 65 21.82 -10.07 33.46
C LYS A 65 23.12 -9.55 34.08
N GLU A 66 23.97 -10.42 34.63
CA GLU A 66 25.23 -9.91 35.18
C GLU A 66 26.30 -11.00 35.22
N THR A 67 27.49 -10.64 34.75
CA THR A 67 28.67 -11.49 34.75
C THR A 67 29.64 -11.01 35.81
N LYS A 68 30.26 -11.95 36.52
CA LYS A 68 31.22 -11.59 37.57
C LYS A 68 32.63 -11.44 37.03
N CYS A 69 32.76 -10.77 35.87
CA CYS A 69 34.07 -10.47 35.29
C CYS A 69 34.45 -9.03 35.62
N ASN A 70 35.62 -8.84 36.26
CA ASN A 70 36.16 -7.53 36.62
C ASN A 70 37.59 -7.39 36.05
N GLY A 71 37.68 -7.26 34.72
CA GLY A 71 38.92 -6.98 34.05
C GLY A 71 38.94 -5.55 33.52
N THR A 72 40.11 -5.15 33.01
CA THR A 72 40.29 -3.77 32.59
C THR A 72 40.70 -3.60 31.13
N ASP A 73 41.13 -4.66 30.45
CA ASP A 73 41.66 -4.47 29.11
C ASP A 73 40.53 -4.34 28.10
N THR A 74 40.90 -3.96 26.87
CA THR A 74 39.90 -3.52 25.90
C THR A 74 38.96 -4.65 25.50
N LYS A 75 39.47 -5.86 25.32
CA LYS A 75 38.63 -6.99 24.93
C LYS A 75 37.52 -7.19 25.94
N VAL A 76 37.86 -7.06 27.23
CA VAL A 76 36.89 -7.25 28.30
C VAL A 76 35.78 -6.21 28.17
N LYS A 77 36.15 -4.92 28.14
CA LYS A 77 35.16 -3.86 27.97
C LYS A 77 34.33 -4.07 26.72
N LEU A 78 34.94 -4.57 25.65
CA LEU A 78 34.24 -4.74 24.39
C LEU A 78 33.15 -5.80 24.51
N ILE A 79 33.42 -6.87 25.24
CA ILE A 79 32.38 -7.87 25.44
C ILE A 79 31.31 -7.31 26.36
N LYS A 80 31.71 -6.55 27.36
CA LYS A 80 30.76 -5.96 28.28
C LYS A 80 29.87 -4.95 27.56
N GLN A 81 30.45 -4.17 26.65
CA GLN A 81 29.63 -3.23 25.89
C GLN A 81 28.59 -3.98 25.07
N GLU A 82 29.00 -5.05 24.39
CA GLU A 82 28.09 -5.81 23.55
C GLU A 82 27.04 -6.52 24.38
N LEU A 83 27.40 -7.02 25.57
CA LEU A 83 26.39 -7.62 26.43
CA LEU A 83 26.42 -7.61 26.47
C LEU A 83 25.41 -6.55 26.92
N ASP A 84 25.90 -5.34 27.20
CA ASP A 84 25.03 -4.24 27.55
C ASP A 84 24.05 -3.93 26.39
N LYS A 85 24.51 -4.05 25.15
CA LYS A 85 23.64 -3.81 23.99
C LYS A 85 22.52 -4.85 23.90
N TYR A 86 22.87 -6.13 24.03
CA TYR A 86 21.92 -7.21 24.15
C TYR A 86 20.90 -6.97 25.27
N LYS A 87 21.38 -6.60 26.45
CA LYS A 87 20.49 -6.42 27.58
C LYS A 87 19.59 -5.20 27.37
N ASN A 88 20.11 -4.11 26.80
CA ASN A 88 19.26 -2.95 26.55
C ASN A 88 18.28 -3.24 25.40
N ALA A 89 18.59 -4.15 24.49
CA ALA A 89 17.63 -4.54 23.47
C ALA A 89 16.44 -5.26 24.09
N VAL A 90 16.74 -6.23 24.95
CA VAL A 90 15.70 -6.97 25.65
C VAL A 90 14.81 -6.04 26.47
N THR A 91 15.42 -5.04 27.13
CA THR A 91 14.64 -4.08 27.90
C THR A 91 13.76 -3.20 27.00
N GLU A 92 14.30 -2.75 25.86
CA GLU A 92 13.50 -1.97 24.92
C GLU A 92 12.35 -2.79 24.40
N LEU A 93 12.58 -4.06 24.10
CA LEU A 93 11.49 -4.94 23.67
C LEU A 93 10.44 -5.13 24.77
N GLN A 94 10.85 -5.14 26.03
CA GLN A 94 9.91 -5.18 27.14
C GLN A 94 9.08 -3.90 27.22
N LEU A 95 9.68 -2.74 26.95
CA LEU A 95 8.90 -1.50 26.94
C LEU A 95 7.98 -1.39 25.72
N LEU A 96 8.37 -1.97 24.59
CA LEU A 96 7.42 -2.09 23.48
C LEU A 96 6.21 -2.93 23.88
N MET A 97 6.41 -3.93 24.75
CA MET A 97 5.32 -4.80 25.21
CA MET A 97 5.29 -4.78 25.14
C MET A 97 4.31 -4.06 26.07
N GLN A 98 4.75 -3.04 26.84
CA GLN A 98 3.76 -2.29 27.62
C GLN A 98 2.94 -1.35 26.72
N ASN A 99 3.41 -1.06 25.51
CA ASN A 99 2.61 -0.35 24.48
C ASN A 99 2.04 -1.34 23.47
N THR A 100 1.48 -2.42 24.01
CA THR A 100 0.71 -3.41 23.25
C THR A 100 -0.67 -3.61 23.87
N PRO A 101 -1.70 -3.92 23.07
CA PRO A 101 -1.82 -4.11 21.62
C PRO A 101 -1.17 -3.01 20.79
N ALA A 102 -0.44 -3.50 19.79
CA ALA A 102 0.08 -2.70 18.71
C ALA A 102 -1.06 -1.99 17.98
N ALA A 103 -0.71 -0.89 17.32
CA ALA A 103 -1.70 -0.03 16.67
C ALA A 103 -1.41 0.13 15.18
N ASN A 104 -2.40 -0.20 14.34
CA ASN A 104 -2.37 0.13 12.93
C ASN A 104 -3.77 -0.09 12.35
N ASN A 105 -4.01 0.51 11.18
CA ASN A 105 -5.31 0.64 10.56
C ASN A 105 -5.16 0.69 9.04
N ARG A 106 -6.30 0.71 8.34
CA ARG A 106 -6.39 0.78 6.88
C ARG A 106 -5.45 -0.18 6.15
N PHE A 137 -10.65 10.83 -5.03
CA PHE A 137 -11.49 11.94 -4.52
C PHE A 137 -12.51 11.42 -3.45
N LEU A 138 -13.00 10.19 -3.62
CA LEU A 138 -14.07 9.67 -2.78
C LEU A 138 -13.55 8.88 -1.58
N GLY A 139 -12.24 8.99 -1.33
CA GLY A 139 -11.59 8.35 -0.21
C GLY A 139 -12.19 8.66 1.15
N PHE A 140 -12.83 9.82 1.31
CA PHE A 140 -13.44 10.15 2.61
C PHE A 140 -14.60 9.21 3.01
N LEU A 141 -15.18 8.46 2.06
CA LEU A 141 -16.23 7.50 2.31
C LEU A 141 -15.72 6.11 2.77
N LEU A 142 -14.39 5.86 2.76
CA LEU A 142 -13.90 4.52 3.06
C LEU A 142 -14.27 4.05 4.47
N GLY A 143 -14.56 2.78 4.62
CA GLY A 143 -14.80 2.24 5.95
C GLY A 143 -13.50 2.26 6.78
N VAL A 144 -13.64 1.93 8.05
CA VAL A 144 -12.56 1.98 9.03
C VAL A 144 -12.46 0.66 9.83
N GLY A 145 -11.28 0.08 9.87
CA GLY A 145 -10.94 -1.07 10.70
C GLY A 145 -9.42 -1.26 10.76
N SER A 146 -8.97 -2.13 11.68
CA SER A 146 -7.56 -2.35 11.87
C SER A 146 -7.01 -3.35 10.85
N ALA A 147 -5.90 -2.99 10.22
CA ALA A 147 -5.25 -3.89 9.28
C ALA A 147 -4.52 -5.04 9.97
N ILE A 148 -4.28 -4.94 11.30
CA ILE A 148 -3.45 -5.92 11.99
C ILE A 148 -4.21 -6.74 12.99
N ALA A 149 -5.55 -6.77 12.91
CA ALA A 149 -6.33 -7.58 13.82
C ALA A 149 -5.93 -9.04 13.80
N SER A 150 -5.64 -9.60 12.63
CA SER A 150 -5.27 -11.03 12.58
C SER A 150 -3.97 -11.31 13.35
N GLY A 151 -2.93 -10.54 13.08
CA GLY A 151 -1.68 -10.66 13.82
C GLY A 151 -1.89 -10.47 15.32
N ILE A 152 -2.72 -9.51 15.68
CA ILE A 152 -2.93 -9.19 17.09
C ILE A 152 -3.60 -10.35 17.79
N ALA A 153 -4.56 -11.02 17.09
CA ALA A 153 -5.17 -12.20 17.68
C ALA A 153 -4.15 -13.28 17.94
N VAL A 154 -3.18 -13.45 17.07
CA VAL A 154 -2.13 -14.45 17.33
C VAL A 154 -1.24 -14.02 18.48
N CYS A 155 -0.85 -12.75 18.54
CA CYS A 155 -0.07 -12.29 19.70
C CYS A 155 -0.80 -12.61 21.00
N LYS A 156 -2.11 -12.35 21.06
CA LYS A 156 -2.86 -12.57 22.30
C LYS A 156 -2.79 -14.02 22.75
N VAL A 157 -2.79 -14.95 21.78
CA VAL A 157 -2.75 -16.39 22.05
C VAL A 157 -1.39 -16.80 22.60
N LEU A 158 -0.33 -16.11 22.16
CA LEU A 158 1.01 -16.39 22.62
C LEU A 158 1.19 -16.05 24.09
N HIS A 159 0.30 -15.22 24.66
CA HIS A 159 0.34 -14.89 26.07
C HIS A 159 -0.27 -15.98 26.98
N LEU A 160 -0.96 -16.97 26.42
CA LEU A 160 -1.60 -18.00 27.24
C LEU A 160 -0.60 -19.04 27.71
N GLU A 161 -0.78 -19.53 28.93
CA GLU A 161 0.17 -20.45 29.53
C GLU A 161 0.42 -21.62 28.59
N GLY A 162 1.69 -22.03 28.46
CA GLY A 162 2.07 -23.15 27.62
C GLY A 162 2.26 -22.85 26.14
N GLU A 163 1.76 -21.74 25.64
CA GLU A 163 1.77 -21.55 24.19
C GLU A 163 3.20 -21.31 23.68
N VAL A 164 3.95 -20.42 24.33
CA VAL A 164 5.34 -20.20 23.91
C VAL A 164 6.14 -21.47 24.08
N ASN A 165 5.82 -22.26 25.11
CA ASN A 165 6.54 -23.51 25.35
C ASN A 165 6.26 -24.53 24.27
N LYS A 166 5.02 -24.56 23.76
CA LYS A 166 4.70 -25.44 22.66
C LYS A 166 5.53 -25.10 21.42
N ILE A 167 5.69 -23.80 21.11
CA ILE A 167 6.54 -23.40 19.98
C ILE A 167 7.98 -23.72 20.26
N LYS A 168 8.44 -23.48 21.49
CA LYS A 168 9.82 -23.79 21.82
C LYS A 168 10.10 -25.28 21.58
N ASN A 169 9.15 -26.15 21.94
CA ASN A 169 9.37 -27.59 21.77
C ASN A 169 9.27 -28.02 20.30
N ALA A 170 8.41 -27.35 19.49
CA ALA A 170 8.38 -27.66 18.05
C ALA A 170 9.68 -27.28 17.34
N LEU A 171 10.48 -26.36 17.88
CA LEU A 171 11.66 -25.86 17.19
C LEU A 171 12.96 -26.32 17.86
N LEU A 172 12.85 -27.30 18.74
CA LEU A 172 14.01 -27.82 19.45
C LEU A 172 15.04 -28.37 18.48
N SER A 173 14.59 -29.13 17.49
CA SER A 173 15.44 -29.83 16.54
C SER A 173 15.37 -29.30 15.12
N THR A 174 14.57 -28.27 14.83
CA THR A 174 14.45 -27.71 13.50
C THR A 174 14.17 -26.22 13.65
N ASN A 175 14.52 -25.45 12.62
CA ASN A 175 14.35 -24.02 12.65
C ASN A 175 13.06 -23.56 11.98
N LYS A 176 12.24 -24.50 11.50
CA LYS A 176 11.01 -24.25 10.77
C LYS A 176 10.04 -25.38 11.12
N ALA A 177 8.85 -25.06 11.65
CA ALA A 177 7.84 -26.08 11.89
C ALA A 177 6.44 -25.46 11.90
N VAL A 178 5.45 -26.24 11.50
CA VAL A 178 4.06 -25.83 11.63
C VAL A 178 3.57 -26.15 13.04
N VAL A 179 2.93 -25.19 13.69
CA VAL A 179 2.43 -25.41 15.04
C VAL A 179 0.95 -25.08 15.11
N SER A 180 0.20 -25.91 15.81
CA SER A 180 -1.23 -25.76 16.02
C SER A 180 -1.44 -24.99 17.31
N LEU A 181 -1.88 -23.73 17.20
CA LEU A 181 -2.10 -22.91 18.39
C LEU A 181 -3.47 -23.24 19.03
N SER A 182 -3.65 -22.74 20.27
CA SER A 182 -4.84 -23.05 21.07
C SER A 182 -6.11 -22.43 20.52
N ASN A 183 -6.01 -21.38 19.73
CA ASN A 183 -7.16 -20.73 19.15
C ASN A 183 -7.60 -21.35 17.82
N GLY A 184 -6.96 -22.45 17.40
CA GLY A 184 -7.34 -23.16 16.19
C GLY A 184 -6.62 -22.80 14.91
N VAL A 185 -5.61 -21.92 14.96
CA VAL A 185 -4.80 -21.62 13.79
C VAL A 185 -3.54 -22.48 13.78
N SER A 186 -3.23 -23.09 12.64
CA SER A 186 -1.92 -23.66 12.38
C SER A 186 -1.04 -22.57 11.76
N VAL A 187 0.10 -22.26 12.41
CA VAL A 187 1.01 -21.22 11.92
C VAL A 187 2.36 -21.84 11.62
N LEU A 188 3.00 -21.39 10.54
CA LEU A 188 4.41 -21.65 10.31
C LEU A 188 5.20 -20.83 11.32
N THR A 189 6.07 -21.50 12.10
CA THR A 189 6.92 -20.82 13.05
C THR A 189 8.37 -21.00 12.63
N PHE A 190 9.18 -20.01 12.93
CA PHE A 190 10.59 -20.01 12.57
C PHE A 190 11.42 -19.71 13.79
N LYS A 191 12.60 -20.30 13.86
CA LYS A 191 13.64 -19.80 14.75
C LYS A 191 14.72 -19.24 13.83
N VAL A 192 14.86 -17.92 13.81
CA VAL A 192 15.80 -17.30 12.89
C VAL A 192 17.17 -16.94 13.51
N LEU A 193 17.32 -17.09 14.83
CA LEU A 193 18.54 -16.71 15.55
C LEU A 193 18.45 -17.36 16.92
N ASP A 194 19.54 -18.01 17.34
CA ASP A 194 19.62 -18.71 18.62
C ASP A 194 20.73 -18.05 19.44
N LEU A 195 20.40 -16.97 20.13
CA LEU A 195 21.32 -16.26 21.00
C LEU A 195 21.45 -16.94 22.36
N LYS A 196 20.56 -17.87 22.68
CA LYS A 196 20.62 -18.61 23.92
C LYS A 196 21.80 -19.57 23.90
N ASN A 197 21.90 -20.37 22.84
CA ASN A 197 22.99 -21.31 22.73
C ASN A 197 24.30 -20.58 22.54
N TYR A 198 24.29 -19.48 21.76
CA TYR A 198 25.53 -18.76 21.55
C TYR A 198 26.05 -18.16 22.86
N ILE A 199 25.21 -17.48 23.62
CA ILE A 199 25.67 -16.86 24.86
C ILE A 199 26.02 -17.93 25.90
N ASN A 200 25.11 -18.86 26.13
CA ASN A 200 25.29 -19.81 27.24
C ASN A 200 26.41 -20.81 26.95
N ASN A 201 26.49 -21.33 25.70
CA ASN A 201 27.41 -22.43 25.40
C ASN A 201 28.68 -22.03 24.65
N ARG A 202 28.73 -20.88 23.94
CA ARG A 202 29.95 -20.49 23.25
C ARG A 202 30.62 -19.24 23.81
N LEU A 203 29.85 -18.35 24.42
CA LEU A 203 30.40 -17.13 24.98
C LEU A 203 30.66 -17.22 26.48
N LEU A 204 29.69 -17.66 27.27
CA LEU A 204 29.85 -17.63 28.72
C LEU A 204 30.90 -18.60 29.26
N PRO A 205 31.18 -19.72 28.59
CA PRO A 205 32.28 -20.55 29.07
C PRO A 205 33.61 -19.84 28.95
N ILE A 206 33.77 -19.01 27.92
CA ILE A 206 35.00 -18.24 27.75
C ILE A 206 35.13 -17.21 28.88
N LEU A 207 34.05 -16.50 29.17
CA LEU A 207 34.08 -15.50 30.22
C LEU A 207 34.09 -16.08 31.62
N ASN A 208 33.76 -17.36 31.79
CA ASN A 208 33.65 -17.91 33.14
C ASN A 208 34.78 -18.88 33.51
N GLN A 209 34.74 -20.13 33.02
CA GLN A 209 35.59 -21.21 33.54
C GLN A 209 37.09 -20.89 33.57
N GLN A 210 37.46 -19.74 33.00
CA GLN A 210 38.84 -19.26 32.99
C GLN A 210 38.87 -17.79 33.39
N SER A 211 40.08 -17.27 33.62
CA SER A 211 40.26 -15.84 33.80
C SER A 211 39.50 -15.09 32.71
N CYS A 212 38.70 -14.12 33.10
CA CYS A 212 37.74 -13.60 32.13
C CYS A 212 38.37 -12.72 31.05
N ARG A 213 39.68 -12.49 31.10
CA ARG A 213 40.39 -11.70 30.10
C ARG A 213 40.97 -12.53 28.95
N ILE A 214 40.70 -13.84 28.91
CA ILE A 214 41.41 -14.77 28.03
C ILE A 214 40.66 -14.91 26.69
N SER A 215 39.70 -14.03 26.43
CA SER A 215 39.03 -14.17 25.16
C SER A 215 39.97 -13.80 24.01
N ASN A 216 39.47 -13.99 22.79
CA ASN A 216 40.11 -13.64 21.54
C ASN A 216 39.24 -12.60 20.85
N ILE A 217 39.86 -11.66 20.14
CA ILE A 217 39.07 -10.60 19.48
C ILE A 217 38.07 -11.14 18.46
N GLU A 218 38.27 -12.36 17.97
CA GLU A 218 37.30 -12.99 17.10
C GLU A 218 35.96 -13.20 17.78
N THR A 219 35.97 -13.58 19.07
CA THR A 219 34.70 -13.80 19.73
C THR A 219 33.98 -12.49 19.95
N VAL A 220 34.71 -11.37 20.11
CA VAL A 220 34.00 -10.09 20.20
C VAL A 220 33.25 -9.84 18.91
N ILE A 221 33.95 -9.98 17.79
CA ILE A 221 33.40 -9.79 16.46
C ILE A 221 32.29 -10.80 16.20
N GLU A 222 32.45 -12.05 16.62
CA GLU A 222 31.35 -12.98 16.38
C GLU A 222 30.12 -12.60 17.19
N PHE A 223 30.30 -12.19 18.44
CA PHE A 223 29.17 -11.80 19.28
C PHE A 223 28.47 -10.57 18.70
N GLN A 224 29.24 -9.62 18.18
CA GLN A 224 28.63 -8.48 17.49
C GLN A 224 27.75 -8.94 16.34
N GLN A 225 28.24 -9.88 15.53
CA GLN A 225 27.51 -10.38 14.39
C GLN A 225 26.26 -11.15 14.80
N MET A 226 26.31 -11.88 15.92
CA MET A 226 25.14 -12.60 16.38
C MET A 226 24.09 -11.69 16.98
N ASN A 227 24.52 -10.63 17.63
CA ASN A 227 23.62 -9.65 18.26
C ASN A 227 22.99 -8.72 17.24
N SER A 228 23.68 -8.52 16.13
CA SER A 228 23.30 -7.59 15.06
C SER A 228 21.83 -7.62 14.66
N ARG A 229 21.33 -8.80 14.28
CA ARG A 229 19.94 -8.85 13.79
C ARG A 229 18.94 -8.53 14.90
N LEU A 230 19.21 -8.96 16.14
CA LEU A 230 18.36 -8.58 17.28
C LEU A 230 18.31 -7.06 17.48
N LEU A 231 19.44 -6.37 17.43
CA LEU A 231 19.46 -4.91 17.65
C LEU A 231 18.69 -4.15 16.55
N GLU A 232 18.75 -4.63 15.32
CA GLU A 232 18.08 -3.92 14.24
C GLU A 232 16.58 -4.17 14.22
N ILE A 233 16.13 -5.40 14.53
CA ILE A 233 14.72 -5.66 14.69
C ILE A 233 14.18 -4.78 15.81
N THR A 234 14.94 -4.67 16.90
CA THR A 234 14.53 -3.87 18.05
C THR A 234 14.44 -2.38 17.67
N ARG A 235 15.46 -1.88 16.98
CA ARG A 235 15.47 -0.51 16.48
C ARG A 235 14.24 -0.23 15.61
N GLU A 236 13.97 -1.10 14.62
CA GLU A 236 12.84 -0.97 13.70
C GLU A 236 11.54 -0.94 14.46
N PHE A 237 11.36 -1.85 15.45
CA PHE A 237 10.14 -1.82 16.20
C PHE A 237 10.06 -0.55 17.06
N SER A 238 11.22 -0.06 17.57
CA SER A 238 11.19 1.02 18.57
C SER A 238 10.73 2.36 17.97
N VAL A 239 10.97 2.62 16.69
CA VAL A 239 10.55 3.88 16.09
C VAL A 239 9.26 3.75 15.28
N ASN A 240 8.56 2.62 15.41
CA ASN A 240 7.29 2.34 14.74
C ASN A 240 6.26 1.81 15.73
N ALA A 241 6.47 1.98 17.03
CA ALA A 241 5.57 1.49 18.07
C ALA A 241 5.20 0.01 17.89
N GLY A 242 6.20 -0.82 17.63
CA GLY A 242 6.00 -2.26 17.56
C GLY A 242 5.27 -2.81 16.36
N VAL A 243 4.99 -1.98 15.33
CA VAL A 243 4.29 -2.42 14.12
C VAL A 243 4.97 -1.81 12.91
N THR A 244 5.54 -2.64 12.03
CA THR A 244 6.28 -2.13 10.88
C THR A 244 5.65 -2.60 9.57
N THR A 245 5.71 -1.72 8.58
CA THR A 245 5.39 -2.05 7.21
C THR A 245 6.17 -1.01 6.42
N PRO A 246 6.83 -1.37 5.31
CA PRO A 246 6.96 -2.68 4.69
C PRO A 246 7.74 -3.62 5.58
N LEU A 247 7.63 -4.88 5.28
CA LEU A 247 8.37 -5.95 5.96
C LEU A 247 9.83 -5.91 5.52
N SER A 248 10.73 -5.54 6.44
CA SER A 248 12.13 -5.46 6.10
C SER A 248 12.82 -6.85 6.04
N THR A 249 14.05 -6.84 5.51
CA THR A 249 14.83 -8.07 5.41
C THR A 249 15.44 -8.46 6.76
N TYR A 250 15.40 -7.60 7.76
CA TYR A 250 15.77 -7.95 9.12
C TYR A 250 14.60 -8.62 9.85
N MET A 251 13.36 -8.23 9.56
CA MET A 251 12.21 -8.92 10.11
C MET A 251 12.09 -10.30 9.49
N LEU A 252 12.32 -10.39 8.17
CA LEU A 252 12.25 -11.66 7.48
C LEU A 252 13.10 -11.58 6.23
N THR A 253 14.15 -12.42 6.16
CA THR A 253 15.07 -12.41 5.05
C THR A 253 14.37 -12.94 3.77
N ASN A 254 15.03 -12.73 2.64
CA ASN A 254 14.46 -13.21 1.41
C ASN A 254 14.32 -14.72 1.40
N SER A 255 15.36 -15.43 1.86
CA SER A 255 15.25 -16.88 1.88
C SER A 255 14.17 -17.32 2.86
N GLU A 256 14.03 -16.67 4.02
CA GLU A 256 12.95 -17.06 4.95
C GLU A 256 11.58 -16.80 4.33
N LEU A 257 11.45 -15.64 3.69
CA LEU A 257 10.18 -15.26 3.08
C LEU A 257 9.82 -16.17 1.94
N LEU A 258 10.78 -16.51 1.09
CA LEU A 258 10.46 -17.42 -0.01
C LEU A 258 10.13 -18.82 0.51
N SER A 259 10.86 -19.28 1.55
CA SER A 259 10.52 -20.52 2.23
C SER A 259 9.10 -20.50 2.77
N LEU A 260 8.74 -19.41 3.45
CA LEU A 260 7.41 -19.23 4.01
C LEU A 260 6.33 -19.32 2.94
N ILE A 261 6.47 -18.55 1.86
CA ILE A 261 5.53 -18.60 0.74
C ILE A 261 5.35 -20.02 0.22
N ASN A 262 6.47 -20.75 0.06
CA ASN A 262 6.45 -22.09 -0.48
C ASN A 262 5.70 -23.07 0.41
N ASP A 263 5.56 -22.78 1.72
CA ASP A 263 4.89 -23.70 2.63
C ASP A 263 3.54 -23.15 3.10
N MET A 264 3.11 -22.04 2.54
CA MET A 264 1.83 -21.45 2.90
C MET A 264 0.69 -22.30 2.34
N PRO A 265 -0.51 -22.31 3.02
CA PRO A 265 -1.65 -23.16 2.57
C PRO A 265 -2.48 -22.45 1.50
N ILE A 266 -1.80 -22.25 0.35
CA ILE A 266 -2.30 -21.52 -0.81
C ILE A 266 -1.92 -22.35 -2.04
N THR A 267 -2.49 -21.99 -3.19
CA THR A 267 -2.28 -22.73 -4.42
C THR A 267 -0.89 -22.44 -5.01
N ASN A 268 -0.48 -23.27 -5.97
CA ASN A 268 0.81 -23.05 -6.60
C ASN A 268 0.80 -21.78 -7.44
N ASP A 269 -0.37 -21.35 -7.93
CA ASP A 269 -0.45 -20.10 -8.69
C ASP A 269 -0.25 -18.90 -7.77
N GLN A 270 -0.93 -18.89 -6.61
CA GLN A 270 -0.68 -17.85 -5.61
C GLN A 270 0.79 -17.86 -5.16
N LYS A 271 1.37 -19.02 -4.89
CA LYS A 271 2.81 -19.10 -4.56
C LYS A 271 3.68 -18.48 -5.66
N LYS A 272 3.35 -18.73 -6.92
CA LYS A 272 4.13 -18.18 -8.04
C LYS A 272 3.98 -16.66 -8.13
N LEU A 273 2.78 -16.18 -7.97
CA LEU A 273 2.54 -14.73 -7.93
C LEU A 273 3.35 -14.05 -6.83
N MET A 274 3.24 -14.55 -5.63
CA MET A 274 3.93 -13.96 -4.49
C MET A 274 5.45 -14.05 -4.64
N SER A 275 5.96 -15.17 -5.17
CA SER A 275 7.39 -15.34 -5.32
C SER A 275 7.96 -14.52 -6.46
N SER A 276 7.13 -14.23 -7.47
CA SER A 276 7.56 -13.35 -8.55
C SER A 276 7.43 -11.86 -8.21
N ASN A 277 6.83 -11.50 -7.09
CA ASN A 277 6.59 -10.10 -6.74
C ASN A 277 6.87 -9.85 -5.25
N VAL A 278 8.10 -10.21 -4.82
CA VAL A 278 8.44 -10.21 -3.40
C VAL A 278 8.38 -8.82 -2.80
N GLN A 279 8.90 -7.83 -3.48
CA GLN A 279 8.86 -6.47 -2.99
C GLN A 279 7.45 -6.02 -2.71
N ILE A 280 6.51 -6.29 -3.62
CA ILE A 280 5.13 -5.87 -3.40
C ILE A 280 4.53 -6.60 -2.21
N VAL A 281 4.76 -7.91 -2.10
CA VAL A 281 4.39 -8.65 -0.92
C VAL A 281 4.94 -7.98 0.35
N ARG A 282 6.21 -7.53 0.33
CA ARG A 282 6.77 -6.87 1.50
C ARG A 282 6.05 -5.56 1.85
N GLN A 283 5.71 -4.76 0.80
CA GLN A 283 5.01 -3.51 0.98
CA GLN A 283 5.02 -3.51 1.02
C GLN A 283 3.60 -3.70 1.58
N GLN A 284 2.98 -4.83 1.36
CA GLN A 284 1.65 -5.11 1.87
C GLN A 284 1.63 -6.05 3.06
N SER A 285 2.77 -6.25 3.73
CA SER A 285 2.93 -7.11 4.88
C SER A 285 3.25 -6.27 6.11
N TYR A 286 3.07 -6.88 7.28
CA TYR A 286 3.33 -6.25 8.55
C TYR A 286 4.15 -7.17 9.42
N SER A 287 4.96 -6.56 10.25
CA SER A 287 5.62 -7.23 11.36
C SER A 287 5.09 -6.63 12.65
N ILE A 288 4.70 -7.48 13.61
CA ILE A 288 4.05 -7.04 14.85
C ILE A 288 4.78 -7.65 16.05
N MET A 289 5.38 -6.78 16.88
CA MET A 289 6.06 -7.26 18.09
C MET A 289 5.04 -7.88 19.01
N CYS A 290 5.29 -9.10 19.46
CA CYS A 290 4.36 -9.79 20.33
C CYS A 290 4.79 -9.97 21.82
N ILE A 291 5.82 -10.75 22.04
CA ILE A 291 6.15 -11.12 23.42
C ILE A 291 7.62 -11.41 23.62
N ILE A 292 8.09 -11.12 24.83
CA ILE A 292 9.35 -11.57 25.37
C ILE A 292 8.98 -12.42 26.59
N LYS A 293 9.22 -13.73 26.53
CA LYS A 293 8.74 -14.66 27.57
C LYS A 293 9.47 -15.99 27.50
N GLU A 294 9.83 -16.55 28.66
CA GLU A 294 10.51 -17.85 28.75
C GLU A 294 11.74 -17.91 27.82
N GLU A 295 12.54 -16.86 27.84
CA GLU A 295 13.76 -16.79 27.04
C GLU A 295 13.49 -16.87 25.52
N VAL A 296 12.35 -16.36 25.09
CA VAL A 296 11.99 -16.35 23.68
C VAL A 296 11.50 -14.95 23.38
N LEU A 297 11.97 -14.38 22.28
CA LEU A 297 11.37 -13.23 21.66
C LEU A 297 10.51 -13.75 20.50
N ALA A 298 9.24 -13.34 20.47
CA ALA A 298 8.36 -13.73 19.37
C ALA A 298 7.68 -12.52 18.78
N TYR A 299 7.65 -12.47 17.45
CA TYR A 299 6.91 -11.45 16.75
C TYR A 299 6.14 -12.13 15.62
N VAL A 300 5.09 -11.49 15.17
CA VAL A 300 4.24 -12.05 14.14
C VAL A 300 4.47 -11.28 12.85
N VAL A 301 4.56 -12.02 11.76
CA VAL A 301 4.58 -11.46 10.41
C VAL A 301 3.23 -11.78 9.75
N GLN A 302 2.60 -10.78 9.15
CA GLN A 302 1.27 -10.91 8.55
C GLN A 302 1.46 -10.68 7.05
N LEU A 303 1.30 -11.72 6.27
CA LEU A 303 1.45 -11.62 4.84
C LEU A 303 0.10 -11.62 4.10
N PRO A 304 0.03 -10.91 2.98
CA PRO A 304 -1.23 -10.87 2.21
C PRO A 304 -1.56 -12.16 1.56
N ILE A 305 -2.85 -12.43 1.48
CA ILE A 305 -3.41 -13.50 0.68
C ILE A 305 -4.26 -12.85 -0.41
N TYR A 306 -3.88 -13.07 -1.66
CA TYR A 306 -4.58 -12.48 -2.79
C TYR A 306 -5.69 -13.40 -3.26
N GLY A 307 -6.85 -13.22 -2.65
CA GLY A 307 -8.04 -13.95 -2.93
C GLY A 307 -8.80 -13.57 -4.18
N VAL A 308 -8.40 -12.48 -4.85
CA VAL A 308 -8.94 -12.15 -6.16
C VAL A 308 -7.75 -11.98 -7.10
N ILE A 309 -7.70 -12.73 -8.16
CA ILE A 309 -6.57 -12.76 -9.03
C ILE A 309 -7.06 -12.85 -10.46
N ASP A 310 -6.43 -12.09 -11.35
CA ASP A 310 -6.68 -12.13 -12.80
C ASP A 310 -8.08 -11.70 -13.20
N THR A 311 -8.79 -10.94 -12.39
CA THR A 311 -10.00 -10.37 -12.95
C THR A 311 -9.67 -9.04 -13.63
N PRO A 312 -10.57 -8.55 -14.52
CA PRO A 312 -10.26 -7.32 -15.26
C PRO A 312 -10.25 -6.12 -14.32
N CYS A 313 -9.25 -5.25 -14.48
CA CYS A 313 -9.11 -3.97 -13.80
C CYS A 313 -8.97 -2.86 -14.85
N TRP A 314 -9.44 -1.65 -14.49
CA TRP A 314 -9.33 -0.49 -15.36
C TRP A 314 -9.17 0.76 -14.49
N LYS A 315 -8.45 1.73 -15.02
CA LYS A 315 -8.18 2.96 -14.28
C LYS A 315 -8.89 4.12 -14.92
N LEU A 316 -9.63 4.88 -14.14
CA LEU A 316 -10.40 6.01 -14.61
C LEU A 316 -9.69 7.28 -14.19
N HIS A 317 -9.36 8.11 -15.18
CA HIS A 317 -8.73 9.42 -15.01
C HIS A 317 -9.78 10.46 -15.35
N THR A 318 -9.88 11.52 -14.55
CA THR A 318 -10.87 12.55 -14.80
C THR A 318 -10.24 13.91 -14.59
N SER A 319 -10.79 14.94 -15.22
CA SER A 319 -10.23 16.29 -15.14
C SER A 319 -11.39 17.26 -15.29
N PRO A 320 -11.25 18.52 -14.90
CA PRO A 320 -12.42 19.42 -14.96
C PRO A 320 -12.85 19.82 -16.35
N LEU A 321 -14.18 19.92 -16.51
CA LEU A 321 -14.81 20.21 -17.77
C LEU A 321 -15.63 21.48 -17.56
N CYS A 322 -15.12 22.59 -18.08
CA CYS A 322 -15.73 23.91 -17.90
C CYS A 322 -16.09 24.52 -19.24
N THR A 323 -17.07 25.42 -19.21
CA THR A 323 -17.34 26.24 -20.37
C THR A 323 -16.21 27.25 -20.56
N THR A 324 -16.13 27.80 -21.76
CA THR A 324 -14.96 28.58 -22.13
C THR A 324 -15.25 30.03 -22.57
N ASN A 325 -16.29 30.65 -22.04
CA ASN A 325 -16.53 32.08 -22.25
C ASN A 325 -15.36 32.94 -21.77
N ILE A 326 -15.16 34.09 -22.41
CA ILE A 326 -14.08 34.99 -22.01
C ILE A 326 -14.47 35.77 -20.77
N LYS A 327 -15.74 36.15 -20.67
CA LYS A 327 -16.26 36.91 -19.54
C LYS A 327 -15.88 36.32 -18.19
N GLU A 328 -15.40 37.20 -17.33
CA GLU A 328 -14.87 36.89 -16.01
C GLU A 328 -15.94 36.30 -15.10
N GLY A 329 -15.60 35.18 -14.48
CA GLY A 329 -16.53 34.53 -13.59
C GLY A 329 -17.84 34.14 -14.22
N SER A 330 -17.89 33.96 -15.54
CA SER A 330 -19.11 33.53 -16.20
C SER A 330 -19.13 32.02 -16.57
N ASN A 331 -18.15 31.24 -16.15
CA ASN A 331 -18.02 29.87 -16.62
C ASN A 331 -18.49 28.87 -15.57
N ILE A 332 -19.04 27.73 -16.04
CA ILE A 332 -19.43 26.67 -15.11
C ILE A 332 -18.64 25.43 -15.43
N CYS A 333 -18.54 24.55 -14.40
CA CYS A 333 -17.68 23.40 -14.47
C CYS A 333 -18.32 22.19 -13.84
N LEU A 334 -17.92 21.01 -14.33
CA LEU A 334 -18.20 19.74 -13.65
C LEU A 334 -17.00 18.85 -13.86
N THR A 335 -16.79 17.96 -12.89
CA THR A 335 -15.71 16.99 -12.88
C THR A 335 -16.31 15.67 -12.40
N ARG A 336 -16.01 14.61 -13.13
CA ARG A 336 -16.37 13.28 -12.66
C ARG A 336 -15.53 12.95 -11.45
N THR A 337 -16.17 12.60 -10.34
CA THR A 337 -15.48 12.42 -9.06
C THR A 337 -15.11 10.96 -8.80
N ASP A 338 -15.45 10.06 -9.71
CA ASP A 338 -15.26 8.63 -9.54
C ASP A 338 -13.91 8.11 -10.11
N ARG A 339 -12.92 8.96 -10.20
CA ARG A 339 -11.60 8.57 -10.65
C ARG A 339 -10.98 7.58 -9.67
N GLY A 340 -10.17 6.70 -10.18
CA GLY A 340 -9.44 5.73 -9.41
C GLY A 340 -9.39 4.37 -10.12
N TRP A 341 -8.89 3.36 -9.44
CA TRP A 341 -8.86 2.00 -9.96
C TRP A 341 -10.16 1.25 -9.69
N TYR A 342 -10.55 0.38 -10.65
CA TYR A 342 -11.70 -0.47 -10.60
C TYR A 342 -11.27 -1.88 -10.98
N CYS A 343 -11.69 -2.89 -10.19
CA CYS A 343 -11.46 -4.29 -10.52
C CYS A 343 -12.77 -5.05 -10.33
N ASP A 344 -13.10 -5.89 -11.29
CA ASP A 344 -14.23 -6.77 -11.13
C ASP A 344 -13.93 -7.64 -9.92
N ASN A 345 -14.96 -7.91 -9.11
CA ASN A 345 -14.70 -8.70 -7.91
C ASN A 345 -16.02 -9.24 -7.42
N ALA A 346 -16.21 -10.54 -7.58
CA ALA A 346 -17.30 -11.30 -7.00
C ALA A 346 -18.71 -10.75 -7.35
N GLY A 347 -18.93 -10.42 -8.62
CA GLY A 347 -20.23 -9.99 -9.06
C GLY A 347 -20.44 -8.48 -9.00
N SER A 348 -19.58 -7.77 -8.29
CA SER A 348 -19.55 -6.35 -8.12
C SER A 348 -18.23 -5.82 -8.63
N VAL A 349 -17.95 -4.59 -8.23
CA VAL A 349 -16.71 -3.92 -8.58
C VAL A 349 -16.03 -3.21 -7.40
N SER A 350 -14.81 -3.62 -7.10
CA SER A 350 -14.00 -2.99 -6.05
C SER A 350 -13.41 -1.72 -6.62
N PHE A 351 -13.79 -0.59 -6.05
CA PHE A 351 -13.34 0.76 -6.45
C PHE A 351 -12.36 1.35 -5.44
N PHE A 352 -11.22 1.77 -5.93
CA PHE A 352 -10.15 2.30 -5.09
C PHE A 352 -10.00 3.79 -5.39
N PRO A 353 -10.62 4.67 -4.57
CA PRO A 353 -10.66 6.10 -4.91
C PRO A 353 -9.32 6.83 -4.72
N GLN A 354 -8.44 6.33 -3.90
CA GLN A 354 -7.10 6.92 -3.76
C GLN A 354 -6.15 6.05 -4.61
N ALA A 355 -6.23 6.16 -5.96
CA ALA A 355 -5.52 5.27 -6.91
C ALA A 355 -4.09 4.82 -6.48
N ASP A 356 -3.30 5.78 -5.94
CA ASP A 356 -2.06 5.56 -5.20
C ASP A 356 -2.05 4.43 -4.18
N THR A 357 -3.21 3.91 -3.83
CA THR A 357 -3.19 2.77 -2.94
C THR A 357 -2.86 1.46 -3.64
N CYS A 358 -3.09 1.36 -4.94
CA CYS A 358 -2.73 0.22 -5.77
C CYS A 358 -1.31 0.34 -6.36
N LYS A 359 -0.58 -0.79 -6.38
CA LYS A 359 0.76 -0.90 -6.96
C LYS A 359 0.66 -1.65 -8.30
N VAL A 360 1.05 -1.00 -9.40
CA VAL A 360 0.98 -1.61 -10.71
C VAL A 360 2.34 -2.24 -11.04
N GLN A 361 2.35 -3.49 -11.47
CA GLN A 361 3.58 -4.12 -11.96
C GLN A 361 3.23 -4.61 -13.37
N SER A 362 3.72 -3.90 -14.40
CA SER A 362 3.37 -4.20 -15.78
C SER A 362 1.84 -4.14 -15.91
N ASN A 363 1.16 -5.22 -16.24
CA ASN A 363 -0.31 -5.19 -16.34
C ASN A 363 -1.02 -5.82 -15.12
N ARG A 364 -0.29 -6.08 -14.03
CA ARG A 364 -0.84 -6.58 -12.78
C ARG A 364 -1.05 -5.44 -11.77
N VAL A 365 -2.24 -5.39 -11.13
CA VAL A 365 -2.60 -4.31 -10.23
C VAL A 365 -2.84 -4.90 -8.86
N PHE A 366 -1.95 -4.56 -7.87
CA PHE A 366 -2.03 -5.12 -6.56
C PHE A 366 -2.71 -4.07 -5.64
N CYS A 367 -3.81 -4.46 -4.98
CA CYS A 367 -4.50 -3.54 -4.08
C CYS A 367 -4.95 -4.25 -2.82
N ASP A 368 -5.23 -3.49 -1.75
CA ASP A 368 -5.80 -4.00 -0.54
C ASP A 368 -7.31 -3.67 -0.51
N THR A 369 -8.16 -4.70 -0.38
CA THR A 369 -9.61 -4.46 -0.38
C THR A 369 -10.08 -3.52 0.73
N MET A 370 -9.30 -3.35 1.82
CA MET A 370 -9.66 -2.38 2.84
C MET A 370 -9.62 -0.95 2.33
N ASN A 371 -8.96 -0.68 1.20
CA ASN A 371 -8.93 0.63 0.58
C ASN A 371 -9.96 0.77 -0.54
N SER A 372 -11.02 -0.05 -0.53
CA SER A 372 -11.98 -0.02 -1.62
C SER A 372 -13.40 0.21 -1.11
N LEU A 373 -14.25 0.68 -2.01
CA LEU A 373 -15.70 0.77 -1.87
C LEU A 373 -16.26 -0.28 -2.77
N THR A 374 -17.34 -0.97 -2.39
CA THR A 374 -17.88 -2.01 -3.24
C THR A 374 -19.04 -1.39 -3.97
N LEU A 375 -18.98 -1.37 -5.28
CA LEU A 375 -20.01 -0.77 -6.11
C LEU A 375 -20.69 -1.79 -7.01
N PRO A 376 -21.93 -1.55 -7.43
CA PRO A 376 -22.52 -2.42 -8.48
C PRO A 376 -21.80 -2.27 -9.81
N SER A 377 -21.84 -3.32 -10.60
CA SER A 377 -21.05 -3.30 -11.83
C SER A 377 -21.56 -2.27 -12.87
N GLU A 378 -22.79 -1.77 -12.68
CA GLU A 378 -23.33 -0.71 -13.53
C GLU A 378 -22.55 0.61 -13.41
N VAL A 379 -21.71 0.79 -12.41
CA VAL A 379 -20.88 2.00 -12.30
C VAL A 379 -20.08 2.25 -13.58
N SER A 380 -19.70 1.18 -14.29
CA SER A 380 -18.85 1.39 -15.47
C SER A 380 -19.64 1.97 -16.67
N LEU A 381 -20.99 1.99 -16.60
CA LEU A 381 -21.79 2.64 -17.61
C LEU A 381 -21.53 4.16 -17.68
N CYS A 382 -21.07 4.76 -16.58
CA CYS A 382 -20.73 6.16 -16.52
C CYS A 382 -19.66 6.52 -17.53
N ASN A 383 -18.88 5.53 -17.97
CA ASN A 383 -17.81 5.82 -18.89
C ASN A 383 -18.35 6.00 -20.31
N THR A 384 -19.32 5.17 -20.69
CA THR A 384 -19.88 5.19 -22.02
C THR A 384 -21.20 5.93 -22.13
N ASP A 385 -21.90 6.18 -21.02
CA ASP A 385 -23.20 6.87 -21.07
C ASP A 385 -23.45 7.49 -19.69
N ILE A 386 -22.96 8.71 -19.50
CA ILE A 386 -22.98 9.34 -18.21
C ILE A 386 -24.40 9.71 -17.80
N PHE A 387 -25.32 9.77 -18.74
CA PHE A 387 -26.73 10.01 -18.47
C PHE A 387 -27.59 8.74 -18.31
N ASN A 388 -26.98 7.54 -18.24
CA ASN A 388 -27.74 6.29 -18.13
C ASN A 388 -28.62 6.31 -16.88
N SER A 389 -29.73 5.56 -16.93
CA SER A 389 -30.68 5.45 -15.84
C SER A 389 -30.41 4.29 -14.87
N LYS A 390 -29.30 3.53 -15.03
CA LYS A 390 -29.01 2.38 -14.18
C LYS A 390 -28.09 2.68 -13.01
N TYR A 391 -27.25 3.72 -13.13
CA TYR A 391 -26.35 4.15 -12.09
C TYR A 391 -26.25 5.68 -12.14
N ASP A 392 -26.39 6.33 -11.00
CA ASP A 392 -26.40 7.80 -10.84
C ASP A 392 -24.97 8.29 -10.80
N CYS A 393 -24.42 8.62 -11.93
CA CYS A 393 -22.98 8.94 -12.07
C CYS A 393 -22.56 10.17 -11.27
N LYS A 394 -21.42 10.08 -10.59
CA LYS A 394 -20.99 11.06 -9.61
C LYS A 394 -20.12 12.13 -10.23
N ILE A 395 -20.44 13.40 -9.89
CA ILE A 395 -19.78 14.59 -10.39
C ILE A 395 -19.72 15.61 -9.27
N MET A 396 -18.82 16.57 -9.43
CA MET A 396 -18.77 17.77 -8.59
C MET A 396 -18.92 18.98 -9.53
N THR A 397 -19.58 20.03 -9.07
CA THR A 397 -19.79 21.18 -9.93
C THR A 397 -19.12 22.39 -9.30
N SER A 398 -18.75 23.39 -10.12
CA SER A 398 -18.04 24.54 -9.58
C SER A 398 -18.02 25.62 -10.64
N LYS A 399 -17.35 26.71 -10.31
CA LYS A 399 -16.95 27.74 -11.25
C LYS A 399 -15.43 27.92 -11.21
N THR A 400 -14.70 26.84 -10.85
CA THR A 400 -13.27 26.86 -10.72
C THR A 400 -12.64 26.36 -12.01
N ASP A 401 -12.38 27.27 -12.93
CA ASP A 401 -11.82 26.91 -14.20
C ASP A 401 -10.28 27.15 -14.18
N ILE A 402 -9.59 26.40 -13.31
CA ILE A 402 -8.14 26.48 -13.18
C ILE A 402 -7.58 25.35 -14.02
N SER A 403 -6.54 25.64 -14.79
CA SER A 403 -6.00 24.67 -15.71
C SER A 403 -5.24 23.56 -14.98
N SER A 404 -5.24 22.37 -15.57
CA SER A 404 -4.47 21.26 -15.03
C SER A 404 -4.41 20.10 -16.01
N SER A 405 -3.55 19.14 -15.65
CA SER A 405 -3.31 17.94 -16.44
C SER A 405 -3.25 16.69 -15.57
N VAL A 406 -3.62 15.58 -16.18
CA VAL A 406 -3.50 14.25 -15.62
C VAL A 406 -2.77 13.42 -16.65
N ILE A 407 -1.62 12.85 -16.26
CA ILE A 407 -0.91 11.87 -17.07
C ILE A 407 -1.62 10.53 -16.90
N THR A 408 -2.01 9.92 -17.99
CA THR A 408 -2.75 8.68 -17.95
C THR A 408 -1.78 7.52 -18.20
N SER A 409 -2.31 6.29 -18.41
CA SER A 409 -1.43 5.17 -18.70
C SER A 409 -0.75 5.35 -20.05
N LEU A 410 -1.50 5.78 -21.06
CA LEU A 410 -1.03 5.90 -22.42
C LEU A 410 -1.12 7.30 -23.04
N GLY A 411 -1.29 8.33 -22.25
CA GLY A 411 -1.40 9.68 -22.76
C GLY A 411 -1.52 10.72 -21.68
N ALA A 412 -2.31 11.75 -21.95
CA ALA A 412 -2.52 12.79 -20.98
C ALA A 412 -3.81 13.52 -21.28
N ILE A 413 -4.55 13.83 -20.28
CA ILE A 413 -5.70 14.71 -20.37
C ILE A 413 -5.23 16.11 -19.99
N VAL A 414 -5.69 17.10 -20.68
CA VAL A 414 -5.38 18.49 -20.36
C VAL A 414 -6.67 19.30 -20.31
N SER A 415 -6.90 19.97 -19.16
CA SER A 415 -7.97 20.91 -18.98
C SER A 415 -7.28 22.30 -19.02
N CYS A 416 -7.48 23.00 -20.13
CA CYS A 416 -6.90 24.30 -20.41
C CYS A 416 -7.93 25.41 -20.40
N TYR A 417 -7.80 26.37 -19.46
CA TYR A 417 -8.70 27.49 -19.31
C TYR A 417 -7.97 28.81 -19.21
N GLY A 418 -8.72 29.86 -19.54
CA GLY A 418 -8.25 31.21 -19.50
C GLY A 418 -7.12 31.42 -20.48
N LYS A 419 -6.00 31.93 -19.99
CA LYS A 419 -4.84 32.32 -20.80
C LYS A 419 -3.71 31.30 -20.66
N THR A 420 -3.95 30.20 -19.98
CA THR A 420 -2.91 29.20 -19.74
C THR A 420 -2.36 28.64 -21.06
N LYS A 421 -1.05 28.51 -21.11
CA LYS A 421 -0.32 27.86 -22.20
C LYS A 421 -0.24 26.36 -21.91
N CYS A 422 -0.84 25.56 -22.80
CA CYS A 422 -0.95 24.12 -22.61
C CYS A 422 -0.46 23.47 -23.92
N THR A 423 0.60 22.66 -23.81
CA THR A 423 1.24 22.09 -24.98
C THR A 423 1.79 20.70 -24.67
N ALA A 424 2.05 19.94 -25.75
CA ALA A 424 2.69 18.63 -25.68
C ALA A 424 3.88 18.74 -26.60
N SER A 425 5.05 18.25 -26.14
CA SER A 425 6.30 18.35 -26.88
C SER A 425 7.04 17.01 -27.00
N ASN A 426 7.89 17.00 -28.01
CA ASN A 426 8.91 15.98 -28.24
C ASN A 426 10.23 16.67 -28.03
N LYS A 427 11.14 16.01 -27.30
CA LYS A 427 12.37 16.69 -26.87
C LYS A 427 13.20 17.14 -28.02
N ASN A 428 13.18 16.40 -29.13
CA ASN A 428 13.92 16.86 -30.25
C ASN A 428 13.14 17.70 -31.27
N ARG A 429 11.82 17.62 -31.31
CA ARG A 429 11.12 18.24 -32.41
C ARG A 429 10.37 19.52 -32.03
N GLY A 430 10.18 19.76 -30.76
CA GLY A 430 9.45 20.93 -30.30
C GLY A 430 8.00 20.62 -29.98
N ILE A 431 7.14 21.65 -30.08
CA ILE A 431 5.73 21.50 -29.78
C ILE A 431 5.06 20.71 -30.91
N ILE A 432 4.37 19.64 -30.56
CA ILE A 432 3.65 18.83 -31.54
C ILE A 432 2.15 18.91 -31.35
N LYS A 433 1.67 19.43 -30.21
CA LYS A 433 0.28 19.70 -30.03
C LYS A 433 0.06 20.88 -29.10
N THR A 434 -0.93 21.70 -29.42
CA THR A 434 -1.31 22.81 -28.56
C THR A 434 -2.76 22.56 -28.18
N PHE A 435 -3.05 22.62 -26.88
CA PHE A 435 -4.42 22.43 -26.40
C PHE A 435 -5.18 23.72 -26.43
N SER A 436 -6.38 23.66 -26.99
CA SER A 436 -7.32 24.77 -26.97
C SER A 436 -8.14 24.74 -25.67
N ASN A 437 -8.80 25.89 -25.39
CA ASN A 437 -9.59 26.04 -24.19
C ASN A 437 -10.58 24.87 -24.11
N GLY A 438 -10.62 24.26 -22.98
CA GLY A 438 -11.51 23.13 -22.78
C GLY A 438 -10.73 21.93 -22.38
N CYS A 439 -11.34 20.75 -22.50
CA CYS A 439 -10.71 19.52 -22.10
C CYS A 439 -10.35 18.71 -23.34
N ASP A 440 -9.12 18.31 -23.37
CA ASP A 440 -8.59 17.62 -24.55
C ASP A 440 -7.62 16.48 -24.15
N TYR A 441 -7.11 15.73 -25.11
CA TYR A 441 -6.30 14.54 -24.81
C TYR A 441 -5.23 14.37 -25.88
N VAL A 442 -4.07 13.83 -25.47
CA VAL A 442 -3.04 13.43 -26.41
C VAL A 442 -2.53 12.03 -26.03
N SER A 443 -2.28 11.20 -27.00
CA SER A 443 -1.63 9.91 -26.67
C SER A 443 -0.16 10.15 -26.43
N ASN A 444 0.53 9.14 -25.89
CA ASN A 444 1.96 9.28 -25.69
C ASN A 444 2.80 9.00 -26.92
N LYS A 445 2.18 8.73 -28.08
CA LYS A 445 2.93 8.43 -29.29
C LYS A 445 3.60 9.67 -29.86
N GLY A 446 4.93 9.61 -29.96
CA GLY A 446 5.74 10.74 -30.38
C GLY A 446 5.83 11.90 -29.41
N VAL A 447 5.32 11.76 -28.20
CA VAL A 447 5.30 12.80 -27.17
C VAL A 447 6.22 12.42 -26.01
N ASP A 448 6.94 13.40 -25.48
CA ASP A 448 7.77 13.19 -24.29
C ASP A 448 7.19 13.88 -23.08
N THR A 449 6.71 15.13 -23.27
CA THR A 449 6.23 15.93 -22.19
C THR A 449 4.97 16.75 -22.51
N VAL A 450 4.28 17.17 -21.43
CA VAL A 450 3.12 18.03 -21.47
C VAL A 450 3.40 19.16 -20.50
N SER A 451 3.26 20.42 -20.98
CA SER A 451 3.37 21.62 -20.15
C SER A 451 2.02 22.27 -20.00
N VAL A 452 1.63 22.57 -18.76
CA VAL A 452 0.41 23.35 -18.46
C VAL A 452 0.86 24.52 -17.61
N GLY A 453 0.86 25.68 -18.18
CA GLY A 453 1.38 26.80 -17.45
C GLY A 453 2.85 26.60 -17.11
N ASN A 454 3.16 26.76 -15.84
CA ASN A 454 4.54 26.65 -15.44
C ASN A 454 5.01 25.26 -15.05
N THR A 455 4.22 24.22 -15.23
CA THR A 455 4.54 22.88 -14.78
C THR A 455 4.69 21.94 -15.95
N LEU A 456 5.77 21.19 -15.92
CA LEU A 456 6.15 20.20 -16.92
C LEU A 456 5.82 18.81 -16.38
N TYR A 457 5.15 18.00 -17.20
CA TYR A 457 4.83 16.61 -16.87
C TYR A 457 5.42 15.73 -17.94
N TYR A 458 5.84 14.53 -17.54
CA TYR A 458 6.36 13.53 -18.46
C TYR A 458 5.28 12.49 -18.71
N VAL A 459 5.04 12.11 -19.97
CA VAL A 459 4.09 11.06 -20.26
C VAL A 459 4.77 9.70 -20.00
N ASN A 460 3.96 8.67 -19.73
CA ASN A 460 4.51 7.30 -19.69
C ASN A 460 4.95 6.88 -21.07
N LYS A 461 5.99 6.06 -21.12
CA LYS A 461 6.54 5.64 -22.42
C LYS A 461 5.92 4.35 -22.99
N LEU A 462 5.12 3.64 -22.23
CA LEU A 462 4.49 2.40 -22.70
C LEU A 462 3.64 2.61 -23.93
N GLU A 463 3.82 1.74 -24.92
CA GLU A 463 3.07 1.78 -26.16
C GLU A 463 1.84 0.90 -26.05
N GLY A 464 0.70 1.44 -26.44
CA GLY A 464 -0.55 0.72 -26.37
C GLY A 464 -1.49 1.20 -27.46
N LYS A 465 -2.76 0.96 -27.29
CA LYS A 465 -3.80 1.37 -28.24
C LYS A 465 -4.59 2.55 -27.63
N ASN A 466 -4.86 3.58 -28.41
CA ASN A 466 -5.50 4.80 -27.92
C ASN A 466 -6.70 5.05 -28.80
N LEU A 467 -7.85 5.38 -28.17
CA LEU A 467 -9.09 5.71 -28.88
C LEU A 467 -9.61 7.04 -28.35
N TYR A 468 -9.84 7.99 -29.22
CA TYR A 468 -10.39 9.30 -28.89
C TYR A 468 -11.88 9.23 -29.23
N VAL A 469 -12.77 9.24 -28.24
CA VAL A 469 -14.21 9.22 -28.53
C VAL A 469 -14.71 10.68 -28.54
N LYS A 470 -15.01 11.13 -29.74
CA LYS A 470 -15.49 12.49 -29.93
C LYS A 470 -16.90 12.64 -29.41
N GLY A 471 -17.17 13.81 -28.85
CA GLY A 471 -18.51 14.08 -28.36
C GLY A 471 -18.56 15.47 -27.80
N GLU A 472 -19.76 16.05 -27.82
CA GLU A 472 -19.92 17.41 -27.33
C GLU A 472 -19.74 17.43 -25.81
N PRO A 473 -18.92 18.32 -25.27
CA PRO A 473 -18.83 18.41 -23.80
C PRO A 473 -20.18 18.58 -23.15
N ILE A 474 -20.46 17.78 -22.13
CA ILE A 474 -21.79 17.77 -21.58
C ILE A 474 -22.08 19.06 -20.79
N ILE A 475 -21.02 19.78 -20.32
CA ILE A 475 -21.21 21.09 -19.65
C ILE A 475 -21.98 22.05 -20.53
N ASN A 476 -21.89 21.88 -21.87
CA ASN A 476 -22.61 22.75 -22.79
C ASN A 476 -24.12 22.52 -22.77
N TYR A 477 -24.59 21.41 -22.25
CA TYR A 477 -26.03 21.17 -22.25
C TYR A 477 -26.78 21.93 -21.17
N TYR A 478 -26.09 22.52 -20.20
CA TYR A 478 -26.71 23.12 -19.07
C TYR A 478 -26.88 24.61 -19.32
N ASP A 479 -28.03 25.15 -18.92
CA ASP A 479 -28.26 26.59 -18.90
C ASP A 479 -27.48 27.19 -17.72
N PRO A 480 -26.46 28.00 -17.96
CA PRO A 480 -25.67 28.51 -16.83
C PRO A 480 -26.45 29.33 -15.83
N LEU A 481 -27.59 29.95 -16.19
CA LEU A 481 -28.35 30.72 -15.22
C LEU A 481 -28.98 29.84 -14.15
N VAL A 482 -29.18 28.56 -14.45
CA VAL A 482 -29.83 27.67 -13.48
C VAL A 482 -28.95 26.49 -13.04
N PHE A 483 -27.69 26.49 -13.45
CA PHE A 483 -26.81 25.39 -13.08
C PHE A 483 -26.44 25.47 -11.61
N PRO A 484 -26.58 24.38 -10.84
CA PRO A 484 -26.27 24.38 -9.36
C PRO A 484 -24.75 24.24 -9.20
N SER A 485 -24.01 25.32 -9.26
CA SER A 485 -22.56 25.25 -9.09
C SER A 485 -22.13 25.07 -7.62
N ASP A 486 -20.89 24.76 -7.45
CA ASP A 486 -20.35 24.58 -6.16
C ASP A 486 -21.01 23.48 -5.29
N GLU A 487 -21.13 22.30 -5.89
CA GLU A 487 -21.65 21.10 -5.25
C GLU A 487 -20.40 20.23 -5.18
N PHE A 488 -19.94 19.92 -3.98
CA PHE A 488 -18.68 19.21 -3.83
C PHE A 488 -18.84 17.70 -4.08
N ASP A 489 -19.93 17.11 -3.67
CA ASP A 489 -20.15 15.66 -3.84
C ASP A 489 -21.55 15.50 -4.37
N ALA A 490 -21.69 15.54 -5.68
CA ALA A 490 -23.00 15.45 -6.29
C ALA A 490 -23.08 14.32 -7.28
N SER A 491 -24.10 14.40 -8.15
CA SER A 491 -24.35 13.37 -9.14
C SER A 491 -25.21 13.95 -10.25
N ILE A 492 -25.30 13.23 -11.36
CA ILE A 492 -26.09 13.66 -12.52
C ILE A 492 -27.54 13.88 -12.15
N SER A 493 -28.13 12.95 -11.38
CA SER A 493 -29.54 13.09 -11.01
C SER A 493 -29.79 14.25 -10.07
N GLN A 494 -28.93 14.45 -9.08
CA GLN A 494 -29.15 15.56 -8.16
C GLN A 494 -29.11 16.87 -8.91
N VAL A 495 -28.18 17.01 -9.86
CA VAL A 495 -28.06 18.23 -10.66
C VAL A 495 -29.29 18.44 -11.52
N ASN A 496 -29.74 17.40 -12.21
CA ASN A 496 -30.98 17.49 -12.99
C ASN A 496 -32.19 17.88 -12.15
N GLU A 497 -32.30 17.32 -10.96
CA GLU A 497 -33.38 17.59 -10.04
C GLU A 497 -33.37 19.04 -9.61
N LYS A 498 -32.18 19.58 -9.28
CA LYS A 498 -32.07 20.98 -8.90
C LYS A 498 -32.41 21.92 -10.07
N ILE A 499 -31.91 21.63 -11.27
CA ILE A 499 -32.22 22.46 -12.42
C ILE A 499 -33.72 22.54 -12.64
N ASN A 500 -34.39 21.39 -12.56
CA ASN A 500 -35.83 21.33 -12.74
C ASN A 500 -36.56 22.17 -11.71
N GLN A 501 -36.18 22.02 -10.44
CA GLN A 501 -36.81 22.82 -9.39
C GLN A 501 -36.61 24.30 -9.67
N SER A 502 -35.39 24.71 -9.95
CA SER A 502 -35.22 26.14 -10.13
C SER A 502 -35.64 26.62 -11.51
N LEU A 503 -36.14 25.73 -12.37
CA LEU A 503 -36.92 26.15 -13.54
C LEU A 503 -38.42 26.15 -13.23
N ALA A 504 -38.81 25.88 -11.98
CA ALA A 504 -40.20 26.00 -11.55
C ALA A 504 -40.60 27.43 -11.26
N PHE A 505 -39.63 28.34 -11.10
CA PHE A 505 -40.00 29.73 -10.95
C PHE A 505 -40.22 30.35 -12.33
N ILE A 506 -39.28 30.09 -13.26
CA ILE A 506 -39.36 30.61 -14.63
C ILE A 506 -40.67 30.22 -15.31
N ARG A 507 -41.46 29.33 -14.69
CA ARG A 507 -42.71 28.88 -15.33
C ARG A 507 -43.69 30.04 -15.50
N ARG A 508 -44.06 30.72 -14.39
CA ARG A 508 -45.06 31.80 -14.49
C ARG A 508 -44.61 32.90 -15.44
N SER A 509 -43.32 33.24 -15.43
CA SER A 509 -42.72 34.22 -16.33
C SER A 509 -43.70 35.22 -16.93
#